data_3D5J
#
_entry.id   3D5J
#
_cell.length_a   37.008
_cell.length_b   45.205
_cell.length_c   105.035
_cell.angle_alpha   90.00
_cell.angle_beta   90.00
_cell.angle_gamma   90.00
#
_symmetry.space_group_name_H-M   'P 21 21 21'
#
loop_
_entity.id
_entity.type
_entity.pdbx_description
1 polymer 'Glutaredoxin-2, mitochondrial'
2 non-polymer GLUTATHIONE
3 water water
#
_entity_poly.entity_id   1
_entity_poly.type   'polypeptide(L)'
_entity_poly.pdbx_seq_one_letter_code
;SHMMVSQETVAHVKDLIGQKEVFVAAKTYCPYSKATLSTLFQELNVPKSKALVLELDEMSNGSEIQDALEEISGQKTVPN
VYINGKHIGGNSDLETLKKNGKLAEILKPVFQ
;
_entity_poly.pdbx_strand_id   A,B
#
loop_
_chem_comp.id
_chem_comp.type
_chem_comp.name
_chem_comp.formula
GSH non-polymer GLUTATHIONE 'C10 H17 N3 O6 S'
#
# COMPACT_ATOMS: atom_id res chain seq x y z
N SER A 1 -21.59 -16.18 -3.55
CA SER A 1 -21.07 -16.22 -2.14
C SER A 1 -21.39 -14.89 -1.46
N HIS A 2 -21.06 -13.79 -2.13
CA HIS A 2 -21.38 -12.45 -1.64
C HIS A 2 -20.78 -12.22 -0.26
N MET A 3 -21.61 -11.90 0.74
CA MET A 3 -21.10 -11.64 2.10
C MET A 3 -20.54 -12.88 2.79
N MET A 4 -20.70 -14.06 2.19
CA MET A 4 -20.07 -15.27 2.72
C MET A 4 -18.59 -15.39 2.34
N VAL A 5 -18.09 -14.38 1.63
CA VAL A 5 -16.69 -14.37 1.22
C VAL A 5 -15.84 -14.54 2.50
N SER A 6 -14.86 -15.42 2.42
CA SER A 6 -14.14 -15.81 3.62
C SER A 6 -13.11 -14.76 3.97
N GLN A 7 -12.76 -14.74 5.26
CA GLN A 7 -11.59 -14.04 5.75
C GLN A 7 -10.42 -14.30 4.82
N GLU A 8 -10.25 -15.54 4.39
CA GLU A 8 -9.03 -15.95 3.69
C GLU A 8 -8.99 -15.30 2.30
N THR A 9 -10.12 -15.37 1.60
CA THR A 9 -10.28 -14.72 0.30
C THR A 9 -10.10 -13.21 0.43
N VAL A 10 -10.72 -12.63 1.43
CA VAL A 10 -10.61 -11.19 1.66
C VAL A 10 -9.17 -10.79 1.97
N ALA A 11 -8.50 -11.57 2.82
CA ALA A 11 -7.10 -11.29 3.14
C ALA A 11 -6.25 -11.40 1.88
N HIS A 12 -6.56 -12.39 1.08
CA HIS A 12 -5.83 -12.62 -0.16
C HIS A 12 -6.05 -11.45 -1.14
N VAL A 13 -7.28 -10.97 -1.25
CA VAL A 13 -7.56 -9.80 -2.08
C VAL A 13 -6.84 -8.55 -1.59
N LYS A 14 -6.79 -8.34 -0.27
CA LYS A 14 -5.99 -7.23 0.27
C LYS A 14 -4.51 -7.35 -0.15
N ASP A 15 -3.98 -8.57 -0.06
CA ASP A 15 -2.63 -8.86 -0.51
C ASP A 15 -2.45 -8.50 -1.98
N LEU A 16 -3.42 -8.89 -2.80
CA LEU A 16 -3.37 -8.56 -4.22
C LEU A 16 -3.38 -7.04 -4.45
N ILE A 17 -4.25 -6.32 -3.73
CA ILE A 17 -4.28 -4.86 -3.83
C ILE A 17 -2.93 -4.27 -3.49
N GLY A 18 -2.28 -4.80 -2.45
CA GLY A 18 -0.96 -4.34 -2.07
C GLY A 18 0.17 -4.83 -2.93
N GLN A 19 -0.11 -5.71 -3.90
CA GLN A 19 0.96 -6.33 -4.65
C GLN A 19 1.63 -5.38 -5.64
N LYS A 20 0.84 -4.51 -6.26
CA LYS A 20 1.33 -3.56 -7.25
C LYS A 20 0.78 -2.19 -6.93
N GLU A 21 1.51 -1.17 -7.35
CA GLU A 21 1.09 0.20 -7.08
C GLU A 21 -0.30 0.45 -7.58
N VAL A 22 -0.58 -0.02 -8.78
CA VAL A 22 -1.90 0.20 -9.38
C VAL A 22 -2.67 -1.10 -9.44
N PHE A 23 -3.82 -1.12 -8.77
CA PHE A 23 -4.69 -2.30 -8.78
C PHE A 23 -5.99 -1.96 -9.44
N VAL A 24 -6.39 -2.78 -10.38
CA VAL A 24 -7.69 -2.63 -11.01
C VAL A 24 -8.37 -3.98 -11.06
N ALA A 25 -9.50 -4.08 -10.35
CA ALA A 25 -10.40 -5.18 -10.52
C ALA A 25 -11.22 -4.78 -11.72
N ALA A 26 -11.06 -5.52 -12.80
CA ALA A 26 -11.61 -5.12 -14.06
C ALA A 26 -12.61 -6.15 -14.52
N LYS A 27 -13.32 -5.83 -15.59
CA LYS A 27 -14.10 -6.83 -16.26
C LYS A 27 -14.04 -6.50 -17.72
N THR A 28 -13.60 -7.47 -18.52
CA THR A 28 -13.36 -7.23 -19.93
C THR A 28 -14.63 -6.75 -20.65
N TYR A 29 -15.80 -7.20 -20.19
CA TYR A 29 -17.08 -6.79 -20.75
C TYR A 29 -17.54 -5.40 -20.28
N CYS A 30 -16.91 -4.87 -19.24
CA CYS A 30 -17.42 -3.65 -18.64
C CYS A 30 -16.83 -2.40 -19.28
N PRO A 31 -17.67 -1.56 -19.92
CA PRO A 31 -17.18 -0.34 -20.56
C PRO A 31 -16.40 0.59 -19.64
N TYR A 32 -16.88 0.76 -18.41
CA TYR A 32 -16.20 1.62 -17.47
C TYR A 32 -14.82 1.08 -17.12
N SER A 33 -14.70 -0.24 -17.08
CA SER A 33 -13.42 -0.87 -16.80
C SER A 33 -12.45 -0.70 -17.97
N LYS A 34 -12.96 -0.85 -19.19
CA LYS A 34 -12.15 -0.60 -20.39
C LYS A 34 -11.69 0.86 -20.38
N ALA A 35 -12.57 1.77 -19.95
CA ALA A 35 -12.24 3.19 -19.86
C ALA A 35 -11.14 3.40 -18.84
N THR A 36 -11.31 2.78 -17.67
CA THR A 36 -10.32 2.92 -16.60
C THR A 36 -8.96 2.38 -17.04
N LEU A 37 -8.96 1.23 -17.71
CA LEU A 37 -7.71 0.60 -18.10
C LEU A 37 -7.01 1.45 -19.15
N SER A 38 -7.80 1.94 -20.10
CA SER A 38 -7.36 2.86 -21.15
CA SER A 38 -7.30 2.84 -21.14
C SER A 38 -6.71 4.09 -20.51
N THR A 39 -7.42 4.68 -19.55
CA THR A 39 -6.92 5.86 -18.87
C THR A 39 -5.59 5.58 -18.15
N LEU A 40 -5.55 4.51 -17.36
CA LEU A 40 -4.36 4.23 -16.57
C LEU A 40 -3.18 3.85 -17.45
N PHE A 41 -3.44 2.96 -18.40
CA PHE A 41 -2.33 2.32 -19.13
C PHE A 41 -2.00 2.94 -20.46
N GLN A 42 -2.98 3.55 -21.11
CA GLN A 42 -2.75 4.19 -22.39
C GLN A 42 -2.55 5.66 -22.17
N GLU A 43 -3.57 6.32 -21.62
CA GLU A 43 -3.57 7.76 -21.50
C GLU A 43 -2.52 8.25 -20.49
N LEU A 44 -2.44 7.58 -19.35
CA LEU A 44 -1.53 7.99 -18.28
C LEU A 44 -0.26 7.18 -18.21
N ASN A 45 -0.12 6.22 -19.11
CA ASN A 45 1.14 5.53 -19.31
C ASN A 45 1.68 4.80 -18.09
N VAL A 46 0.81 4.33 -17.24
CA VAL A 46 1.26 3.61 -16.07
C VAL A 46 1.85 2.31 -16.60
N PRO A 47 3.15 2.08 -16.31
CA PRO A 47 3.78 0.83 -16.72
C PRO A 47 3.00 -0.35 -16.17
N LYS A 48 2.78 -1.35 -17.02
CA LYS A 48 2.07 -2.55 -16.64
C LYS A 48 2.77 -3.28 -15.52
N SER A 49 4.09 -3.11 -15.47
CA SER A 49 4.91 -3.68 -14.41
C SER A 49 4.55 -3.09 -13.05
N LYS A 50 3.83 -1.98 -13.05
CA LYS A 50 3.48 -1.29 -11.79
C LYS A 50 2.01 -1.47 -11.44
N ALA A 51 1.38 -2.42 -12.14
CA ALA A 51 -0.05 -2.63 -12.01
C ALA A 51 -0.41 -4.10 -11.89
N LEU A 52 -1.49 -4.35 -11.17
CA LEU A 52 -2.12 -5.67 -11.18
C LEU A 52 -3.53 -5.42 -11.65
N VAL A 53 -3.86 -6.00 -12.79
CA VAL A 53 -5.20 -5.88 -13.29
C VAL A 53 -5.79 -7.27 -13.23
N LEU A 54 -6.86 -7.41 -12.47
CA LEU A 54 -7.57 -8.65 -12.36
C LEU A 54 -8.80 -8.58 -13.25
N GLU A 55 -8.83 -9.39 -14.27
CA GLU A 55 -10.01 -9.48 -15.13
C GLU A 55 -10.93 -10.48 -14.46
N LEU A 56 -11.86 -9.96 -13.66
CA LEU A 56 -12.75 -10.80 -12.87
C LEU A 56 -13.57 -11.81 -13.67
N ASP A 57 -14.02 -11.41 -14.87
CA ASP A 57 -14.74 -12.31 -15.76
C ASP A 57 -13.87 -13.46 -16.24
N GLU A 58 -12.55 -13.23 -16.30
CA GLU A 58 -11.61 -14.25 -16.75
C GLU A 58 -11.13 -15.11 -15.60
N MET A 59 -11.56 -14.80 -14.39
CA MET A 59 -11.13 -15.54 -13.21
C MET A 59 -12.25 -16.43 -12.72
N SER A 60 -11.89 -17.69 -12.46
CA SER A 60 -12.86 -18.70 -12.01
C SER A 60 -13.43 -18.31 -10.65
N ASN A 61 -12.67 -17.58 -9.85
CA ASN A 61 -13.15 -17.08 -8.58
C ASN A 61 -13.36 -15.58 -8.60
N GLY A 62 -13.48 -15.03 -9.82
CA GLY A 62 -13.65 -13.60 -10.01
C GLY A 62 -14.78 -13.02 -9.17
N SER A 63 -15.88 -13.76 -9.10
CA SER A 63 -17.03 -13.42 -8.25
C SER A 63 -16.68 -13.26 -6.79
N GLU A 64 -15.91 -14.22 -6.26
CA GLU A 64 -15.47 -14.15 -4.87
C GLU A 64 -14.55 -12.94 -4.65
N ILE A 65 -13.74 -12.59 -5.64
CA ILE A 65 -12.87 -11.44 -5.53
C ILE A 65 -13.70 -10.18 -5.49
N GLN A 66 -14.72 -10.12 -6.33
CA GLN A 66 -15.64 -8.99 -6.30
C GLN A 66 -16.28 -8.87 -4.93
N ASP A 67 -16.75 -9.99 -4.39
CA ASP A 67 -17.32 -10.02 -3.07
C ASP A 67 -16.33 -9.55 -2.01
N ALA A 68 -15.10 -9.99 -2.15
CA ALA A 68 -14.06 -9.55 -1.23
C ALA A 68 -13.93 -8.01 -1.32
N LEU A 69 -13.91 -7.50 -2.55
CA LEU A 69 -13.69 -6.07 -2.77
C LEU A 69 -14.86 -5.29 -2.21
N GLU A 70 -16.05 -5.88 -2.32
CA GLU A 70 -17.20 -5.25 -1.72
C GLU A 70 -17.12 -5.21 -0.18
N GLU A 71 -16.65 -6.28 0.43
CA GLU A 71 -16.46 -6.26 1.85
C GLU A 71 -15.45 -5.18 2.27
N ILE A 72 -14.37 -5.06 1.51
CA ILE A 72 -13.27 -4.18 1.86
C ILE A 72 -13.72 -2.71 1.87
N SER A 73 -14.51 -2.30 0.86
CA SER A 73 -14.90 -0.89 0.79
C SER A 73 -16.39 -0.61 0.74
N GLY A 74 -17.19 -1.62 0.42
CA GLY A 74 -18.59 -1.39 0.16
C GLY A 74 -18.91 -1.33 -1.31
N GLN A 75 -17.87 -1.17 -2.13
CA GLN A 75 -18.08 -1.05 -3.56
C GLN A 75 -18.50 -2.35 -4.24
N LYS A 76 -19.59 -2.28 -4.98
CA LYS A 76 -20.18 -3.42 -5.66
C LYS A 76 -19.78 -3.50 -7.12
N THR A 77 -19.30 -2.39 -7.69
CA THR A 77 -19.07 -2.23 -9.15
C THR A 77 -17.61 -2.58 -9.42
N VAL A 78 -17.29 -3.15 -10.56
CA VAL A 78 -16.27 -2.73 -11.53
C VAL A 78 -16.32 -1.58 -12.53
N PRO A 79 -15.14 -0.96 -12.79
CA PRO A 79 -13.83 -1.31 -12.21
C PRO A 79 -13.70 -0.92 -10.75
N ASN A 80 -12.76 -1.56 -10.09
CA ASN A 80 -12.47 -1.20 -8.74
C ASN A 80 -10.97 -0.95 -8.68
N VAL A 81 -10.63 0.31 -8.45
CA VAL A 81 -9.28 0.78 -8.62
C VAL A 81 -8.69 1.14 -7.26
N TYR A 82 -7.52 0.62 -6.98
CA TYR A 82 -6.73 1.10 -5.87
C TYR A 82 -5.45 1.59 -6.45
N ILE A 83 -4.95 2.68 -5.90
CA ILE A 83 -3.62 3.11 -6.26
C ILE A 83 -2.89 3.54 -5.02
N ASN A 84 -1.75 2.90 -4.75
CA ASN A 84 -0.91 3.29 -3.62
C ASN A 84 -1.70 3.51 -2.34
N GLY A 85 -2.38 2.45 -1.94
CA GLY A 85 -3.07 2.45 -0.67
C GLY A 85 -4.42 3.12 -0.77
N LYS A 86 -4.65 3.83 -1.88
CA LYS A 86 -5.86 4.62 -1.99
C LYS A 86 -6.95 3.86 -2.71
N HIS A 87 -8.10 3.72 -2.06
CA HIS A 87 -9.26 3.27 -2.79
C HIS A 87 -9.86 4.38 -3.67
N ILE A 88 -9.54 4.30 -4.95
CA ILE A 88 -10.01 5.28 -5.93
C ILE A 88 -11.48 5.04 -6.23
N GLY A 89 -11.88 3.77 -6.33
CA GLY A 89 -13.27 3.43 -6.62
C GLY A 89 -13.40 3.03 -8.08
N GLY A 90 -14.40 3.59 -8.74
CA GLY A 90 -14.70 3.20 -10.11
C GLY A 90 -14.17 4.18 -11.13
N ASN A 91 -14.59 3.97 -12.37
CA ASN A 91 -14.13 4.81 -13.45
C ASN A 91 -14.48 6.29 -13.31
N SER A 92 -15.71 6.55 -12.84
CA SER A 92 -16.19 7.91 -12.68
C SER A 92 -15.37 8.59 -11.59
N ASP A 93 -14.97 7.85 -10.56
CA ASP A 93 -14.09 8.39 -9.53
C ASP A 93 -12.71 8.66 -10.06
N LEU A 94 -12.18 7.73 -10.86
CA LEU A 94 -10.90 7.95 -11.51
C LEU A 94 -10.92 9.23 -12.34
N GLU A 95 -11.97 9.38 -13.13
CA GLU A 95 -12.20 10.55 -13.97
C GLU A 95 -12.16 11.84 -13.18
N THR A 96 -12.86 11.87 -12.04
CA THR A 96 -12.85 13.03 -11.14
C THR A 96 -11.43 13.36 -10.70
N LEU A 97 -10.68 12.34 -10.29
CA LEU A 97 -9.29 12.54 -9.88
C LEU A 97 -8.37 12.96 -11.04
N LYS A 98 -8.62 12.40 -12.22
CA LYS A 98 -7.90 12.81 -13.41
C LYS A 98 -8.07 14.31 -13.63
N LYS A 99 -9.32 14.77 -13.61
CA LYS A 99 -9.64 16.19 -13.78
C LYS A 99 -9.17 17.08 -12.61
N ASN A 100 -9.37 16.61 -11.38
CA ASN A 100 -8.88 17.25 -10.16
C ASN A 100 -7.40 17.62 -10.25
N GLY A 101 -6.63 16.81 -10.98
CA GLY A 101 -5.19 16.89 -10.91
C GLY A 101 -4.67 16.00 -9.79
N LYS A 102 -5.56 15.48 -8.95
CA LYS A 102 -5.14 14.63 -7.83
C LYS A 102 -4.63 13.27 -8.29
N LEU A 103 -5.16 12.76 -9.40
CA LEU A 103 -4.71 11.45 -9.88
C LEU A 103 -3.22 11.51 -10.18
N ALA A 104 -2.78 12.59 -10.79
CA ALA A 104 -1.36 12.77 -11.09
C ALA A 104 -0.56 12.77 -9.81
N GLU A 105 -1.05 13.47 -8.80
CA GLU A 105 -0.36 13.49 -7.52
C GLU A 105 -0.28 12.09 -6.93
N ILE A 106 -1.39 11.38 -7.01
CA ILE A 106 -1.46 10.00 -6.53
C ILE A 106 -0.46 9.10 -7.29
N LEU A 107 -0.40 9.30 -8.59
CA LEU A 107 0.49 8.49 -9.45
C LEU A 107 1.97 8.84 -9.40
N LYS A 108 2.32 10.03 -8.88
CA LYS A 108 3.71 10.46 -8.84
C LYS A 108 4.64 9.40 -8.26
N PRO A 109 4.33 8.90 -7.04
CA PRO A 109 5.14 7.83 -6.46
C PRO A 109 5.24 6.60 -7.35
N VAL A 110 4.23 6.36 -8.19
CA VAL A 110 4.17 5.19 -9.09
C VAL A 110 5.25 5.26 -10.15
N PHE A 111 5.41 6.42 -10.78
CA PHE A 111 6.39 6.55 -11.85
C PHE A 111 7.82 6.56 -11.33
N GLN A 112 7.96 6.75 -10.03
CA GLN A 112 9.24 6.71 -9.36
C GLN A 112 9.71 5.30 -9.00
N VAL B 5 -1.71 19.35 18.49
CA VAL B 5 -2.40 19.86 19.72
C VAL B 5 -1.93 19.16 21.00
N SER B 6 -1.42 17.93 20.85
CA SER B 6 -0.87 17.17 21.98
C SER B 6 0.44 16.50 21.62
N GLN B 7 1.25 16.21 22.65
CA GLN B 7 2.55 15.55 22.52
C GLN B 7 2.46 14.10 22.97
N GLU B 8 1.32 13.74 23.55
CA GLU B 8 1.09 12.40 24.10
C GLU B 8 1.34 11.30 23.06
N THR B 9 0.68 11.43 21.91
CA THR B 9 0.82 10.44 20.85
C THR B 9 2.27 10.42 20.36
N VAL B 10 2.86 11.60 20.19
CA VAL B 10 4.24 11.73 19.74
C VAL B 10 5.21 10.98 20.68
N ALA B 11 5.10 11.24 21.97
CA ALA B 11 5.89 10.51 22.96
C ALA B 11 5.65 9.00 22.84
N HIS B 12 4.39 8.61 22.69
CA HIS B 12 4.02 7.21 22.59
C HIS B 12 4.66 6.60 21.35
N VAL B 13 4.66 7.35 20.26
CA VAL B 13 5.20 6.83 19.01
C VAL B 13 6.73 6.79 19.07
N LYS B 14 7.35 7.85 19.58
CA LYS B 14 8.79 7.82 19.83
C LYS B 14 9.15 6.57 20.62
N ASP B 15 8.33 6.24 21.61
CA ASP B 15 8.51 5.04 22.42
C ASP B 15 8.50 3.79 21.55
N LEU B 16 7.48 3.67 20.70
CA LEU B 16 7.34 2.51 19.81
C LEU B 16 8.52 2.33 18.89
N ILE B 17 9.02 3.43 18.33
CA ILE B 17 10.16 3.38 17.39
C ILE B 17 11.37 2.71 18.01
N GLY B 18 11.65 3.04 19.28
CA GLY B 18 12.80 2.47 19.96
C GLY B 18 12.59 1.09 20.57
N GLN B 19 11.37 0.56 20.50
CA GLN B 19 11.08 -0.74 21.09
C GLN B 19 11.75 -1.92 20.38
N LYS B 20 11.83 -1.85 19.05
CA LYS B 20 12.49 -2.91 18.28
C LYS B 20 13.43 -2.28 17.27
N GLU B 21 14.39 -3.09 16.82
CA GLU B 21 15.44 -2.67 15.91
C GLU B 21 14.91 -2.25 14.55
N VAL B 22 13.88 -2.94 14.08
CA VAL B 22 13.23 -2.52 12.86
C VAL B 22 11.81 -2.06 13.19
N PHE B 23 11.51 -0.82 12.84
CA PHE B 23 10.17 -0.31 13.03
C PHE B 23 9.60 0.00 11.65
N VAL B 24 8.42 -0.52 11.38
CA VAL B 24 7.73 -0.18 10.13
C VAL B 24 6.31 0.20 10.45
N ALA B 25 5.96 1.46 10.18
CA ALA B 25 4.56 1.85 10.15
C ALA B 25 4.12 1.44 8.76
N ALA B 26 3.16 0.53 8.71
CA ALA B 26 2.74 -0.11 7.49
C ALA B 26 1.29 0.20 7.25
N LYS B 27 0.84 -0.02 6.03
CA LYS B 27 -0.59 -0.06 5.77
C LYS B 27 -0.83 -1.25 4.89
N THR B 28 -1.79 -2.09 5.28
CA THR B 28 -2.05 -3.35 4.57
C THR B 28 -2.34 -3.16 3.08
N TYR B 29 -2.90 -2.03 2.69
CA TYR B 29 -3.24 -1.79 1.29
C TYR B 29 -2.13 -1.09 0.53
N CYS B 30 -1.06 -0.71 1.24
CA CYS B 30 -0.05 0.10 0.62
C CYS B 30 1.00 -0.79 -0.04
N PRO B 31 1.07 -0.74 -1.38
CA PRO B 31 2.06 -1.55 -2.11
C PRO B 31 3.50 -1.24 -1.67
N TYR B 32 3.82 0.01 -1.35
CA TYR B 32 5.17 0.35 -0.87
C TYR B 32 5.43 -0.31 0.47
N SER B 33 4.37 -0.41 1.27
CA SER B 33 4.48 -1.02 2.57
C SER B 33 4.73 -2.52 2.39
N LYS B 34 3.96 -3.13 1.49
CA LYS B 34 4.15 -4.54 1.18
C LYS B 34 5.57 -4.75 0.67
N ALA B 35 6.03 -3.86 -0.21
CA ALA B 35 7.37 -3.97 -0.81
C ALA B 35 8.43 -3.83 0.25
N THR B 36 8.27 -2.85 1.12
CA THR B 36 9.20 -2.65 2.24
C THR B 36 9.28 -3.88 3.14
N LEU B 37 8.12 -4.41 3.52
CA LEU B 37 8.09 -5.56 4.40
C LEU B 37 8.75 -6.75 3.73
N SER B 38 8.49 -6.94 2.43
CA SER B 38 9.12 -8.05 1.72
C SER B 38 10.62 -7.81 1.61
N THR B 39 11.04 -6.59 1.29
CA THR B 39 12.45 -6.28 1.25
C THR B 39 13.09 -6.57 2.60
N LEU B 40 12.49 -6.08 3.68
CA LEU B 40 13.01 -6.30 5.04
C LEU B 40 12.97 -7.75 5.53
N PHE B 41 11.82 -8.40 5.43
CA PHE B 41 11.62 -9.68 6.10
C PHE B 41 11.83 -10.89 5.22
N GLN B 42 11.58 -10.73 3.92
CA GLN B 42 11.73 -11.82 2.98
C GLN B 42 13.13 -11.79 2.38
N GLU B 43 13.40 -10.76 1.59
CA GLU B 43 14.69 -10.61 0.90
C GLU B 43 15.88 -10.47 1.84
N LEU B 44 15.81 -9.53 2.78
CA LEU B 44 16.92 -9.27 3.69
C LEU B 44 16.89 -10.17 4.93
N ASN B 45 15.76 -10.84 5.12
CA ASN B 45 15.59 -11.82 6.18
C ASN B 45 15.88 -11.27 7.58
N VAL B 46 15.43 -10.04 7.82
CA VAL B 46 15.37 -9.49 9.17
C VAL B 46 14.39 -10.33 9.97
N PRO B 47 14.80 -10.80 11.16
CA PRO B 47 13.85 -11.53 11.99
C PRO B 47 12.66 -10.68 12.37
N LYS B 48 11.46 -11.22 12.11
CA LYS B 48 10.22 -10.62 12.58
C LYS B 48 10.24 -10.37 14.10
N SER B 49 11.11 -11.10 14.81
CA SER B 49 11.32 -10.93 16.26
C SER B 49 12.02 -9.61 16.62
N LYS B 50 12.78 -9.09 15.67
CA LYS B 50 13.52 -7.84 15.87
C LYS B 50 12.81 -6.67 15.17
N ALA B 51 11.50 -6.82 14.98
CA ALA B 51 10.74 -5.81 14.25
C ALA B 51 9.40 -5.49 14.90
N LEU B 52 9.07 -4.20 14.90
CA LEU B 52 7.74 -3.75 15.26
C LEU B 52 7.09 -3.18 14.01
N VAL B 53 6.08 -3.89 13.53
CA VAL B 53 5.36 -3.47 12.34
C VAL B 53 3.99 -3.03 12.79
N LEU B 54 3.69 -1.76 12.53
CA LEU B 54 2.40 -1.21 12.85
C LEU B 54 1.57 -1.16 11.58
N GLU B 55 0.56 -2.02 11.52
CA GLU B 55 -0.41 -1.99 10.43
C GLU B 55 -1.40 -0.91 10.77
N LEU B 56 -1.12 0.30 10.30
CA LEU B 56 -1.83 1.50 10.76
C LEU B 56 -3.30 1.51 10.41
N ASP B 57 -3.64 0.94 9.27
CA ASP B 57 -5.03 0.93 8.82
C ASP B 57 -5.89 0.01 9.68
N GLU B 58 -5.26 -0.93 10.37
CA GLU B 58 -5.97 -1.87 11.24
C GLU B 58 -5.94 -1.41 12.69
N MET B 59 -5.16 -0.37 12.98
CA MET B 59 -5.04 0.13 14.33
C MET B 59 -6.04 1.25 14.57
N SER B 60 -6.82 1.11 15.64
CA SER B 60 -7.79 2.13 16.01
C SER B 60 -7.10 3.50 16.16
N ASN B 61 -5.81 3.48 16.48
CA ASN B 61 -5.00 4.71 16.60
C ASN B 61 -3.97 4.89 15.47
N GLY B 62 -4.08 4.09 14.42
CA GLY B 62 -3.22 4.20 13.24
C GLY B 62 -3.16 5.62 12.72
N SER B 63 -4.30 6.30 12.72
CA SER B 63 -4.39 7.69 12.30
C SER B 63 -3.53 8.59 13.19
N GLU B 64 -3.66 8.40 14.51
CA GLU B 64 -2.96 9.22 15.49
C GLU B 64 -1.47 8.94 15.37
N ILE B 65 -1.13 7.66 15.30
CA ILE B 65 0.26 7.22 15.09
C ILE B 65 0.88 7.83 13.84
N GLN B 66 0.17 7.76 12.71
CA GLN B 66 0.70 8.32 11.48
C GLN B 66 0.92 9.83 11.64
N ASP B 67 -0.04 10.49 12.27
CA ASP B 67 0.10 11.93 12.55
C ASP B 67 1.33 12.17 13.43
N ALA B 68 1.47 11.36 14.49
CA ALA B 68 2.65 11.43 15.34
C ALA B 68 3.93 11.17 14.56
N LEU B 69 3.93 10.14 13.72
CA LEU B 69 5.06 9.84 12.86
C LEU B 69 5.44 11.00 11.97
N GLU B 70 4.45 11.66 11.40
CA GLU B 70 4.69 12.79 10.52
C GLU B 70 5.39 13.93 11.28
N GLU B 71 4.97 14.13 12.52
CA GLU B 71 5.56 15.14 13.38
C GLU B 71 7.01 14.80 13.69
N ILE B 72 7.23 13.54 14.08
CA ILE B 72 8.55 13.00 14.43
C ILE B 72 9.46 12.94 13.21
N SER B 73 8.99 12.27 12.16
CA SER B 73 9.81 11.89 11.02
C SER B 73 9.84 12.93 9.91
N GLY B 74 8.91 13.87 9.93
CA GLY B 74 8.71 14.79 8.81
C GLY B 74 8.01 14.12 7.63
N GLN B 75 7.59 12.87 7.79
CA GLN B 75 7.10 12.05 6.69
C GLN B 75 5.62 11.72 6.81
N LYS B 76 4.88 12.00 5.74
CA LYS B 76 3.44 11.75 5.67
C LYS B 76 3.06 10.37 5.10
N THR B 77 3.94 9.79 4.26
CA THR B 77 3.71 8.48 3.60
C THR B 77 3.89 7.34 4.63
N VAL B 78 3.13 6.27 4.54
CA VAL B 78 3.60 4.89 4.49
C VAL B 78 4.22 4.13 3.30
N PRO B 79 5.12 3.18 3.58
CA PRO B 79 5.58 2.78 4.91
C PRO B 79 6.50 3.82 5.53
N ASN B 80 6.64 3.77 6.84
CA ASN B 80 7.58 4.64 7.50
C ASN B 80 8.48 3.78 8.35
N VAL B 81 9.75 3.74 7.97
CA VAL B 81 10.68 2.75 8.49
C VAL B 81 11.74 3.40 9.34
N TYR B 82 11.95 2.82 10.51
CA TYR B 82 13.10 3.15 11.32
C TYR B 82 13.88 1.88 11.51
N ILE B 83 15.20 2.01 11.45
CA ILE B 83 16.08 0.93 11.80
C ILE B 83 17.02 1.48 12.84
N ASN B 84 16.91 0.93 14.04
CA ASN B 84 17.75 1.36 15.15
C ASN B 84 17.64 2.88 15.37
N GLY B 85 16.42 3.37 15.42
CA GLY B 85 16.18 4.82 15.59
C GLY B 85 16.53 5.71 14.40
N LYS B 86 17.31 5.19 13.46
CA LYS B 86 17.58 5.91 12.20
C LYS B 86 16.33 5.96 11.34
N HIS B 87 15.92 7.15 10.93
CA HIS B 87 14.77 7.25 10.07
C HIS B 87 15.21 6.90 8.67
N ILE B 88 14.74 5.74 8.21
CA ILE B 88 14.99 5.31 6.85
C ILE B 88 14.04 6.06 5.94
N GLY B 89 12.76 6.02 6.31
CA GLY B 89 11.74 6.68 5.53
C GLY B 89 10.83 5.68 4.86
N GLY B 90 10.67 5.84 3.56
CA GLY B 90 9.70 5.05 2.83
C GLY B 90 10.39 3.94 2.08
N ASN B 91 9.62 3.24 1.28
CA ASN B 91 10.12 2.16 0.49
C ASN B 91 11.22 2.60 -0.47
N SER B 92 11.02 3.73 -1.13
CA SER B 92 12.02 4.27 -2.06
C SER B 92 13.30 4.65 -1.33
N ASP B 93 13.15 5.16 -0.11
CA ASP B 93 14.30 5.51 0.73
C ASP B 93 15.04 4.28 1.14
N LEU B 94 14.28 3.24 1.50
CA LEU B 94 14.86 1.94 1.83
C LEU B 94 15.64 1.42 0.63
N GLU B 95 15.06 1.55 -0.57
CA GLU B 95 15.72 1.11 -1.80
C GLU B 95 17.02 1.84 -2.08
N THR B 96 17.04 3.16 -1.88
CA THR B 96 18.27 3.95 -2.04
C THR B 96 19.40 3.39 -1.17
N LEU B 97 19.08 3.12 0.11
CA LEU B 97 20.06 2.57 1.05
C LEU B 97 20.45 1.15 0.70
N LYS B 98 19.48 0.39 0.21
CA LYS B 98 19.76 -0.97 -0.20
C LYS B 98 20.78 -0.89 -1.35
N LYS B 99 20.48 -0.05 -2.34
CA LYS B 99 21.28 0.07 -3.57
C LYS B 99 22.69 0.61 -3.39
N ASN B 100 22.87 1.54 -2.46
CA ASN B 100 24.18 2.17 -2.29
C ASN B 100 25.05 1.47 -1.25
N GLY B 101 24.51 0.39 -0.67
CA GLY B 101 25.23 -0.44 0.27
C GLY B 101 25.02 -0.04 1.73
N LYS B 102 24.47 1.15 1.95
CA LYS B 102 24.32 1.70 3.30
C LYS B 102 23.38 0.89 4.19
N LEU B 103 22.35 0.29 3.59
CA LEU B 103 21.38 -0.49 4.35
C LEU B 103 22.03 -1.68 5.06
N ALA B 104 22.87 -2.41 4.32
CA ALA B 104 23.67 -3.51 4.86
C ALA B 104 24.45 -3.09 6.10
N GLU B 105 25.10 -1.92 6.01
CA GLU B 105 25.81 -1.33 7.14
C GLU B 105 24.87 -1.08 8.32
N ILE B 106 23.75 -0.43 8.04
CA ILE B 106 22.72 -0.11 9.04
C ILE B 106 22.14 -1.37 9.70
N LEU B 107 21.99 -2.43 8.92
CA LEU B 107 21.43 -3.67 9.44
C LEU B 107 22.44 -4.56 10.14
N LYS B 108 23.72 -4.19 10.08
CA LYS B 108 24.75 -4.99 10.76
C LYS B 108 24.38 -5.39 12.19
N PRO B 109 24.14 -4.39 13.09
CA PRO B 109 23.86 -4.78 14.48
C PRO B 109 22.60 -5.64 14.62
N VAL B 110 21.64 -5.46 13.71
CA VAL B 110 20.44 -6.29 13.68
C VAL B 110 20.80 -7.75 13.40
N PHE B 111 21.83 -7.96 12.58
CA PHE B 111 22.29 -9.31 12.23
C PHE B 111 23.42 -9.81 13.14
N1 GSH C . -19.98 4.73 -11.96
CA1 GSH C . -19.48 3.53 -12.63
C1 GSH C . -17.98 3.61 -12.71
O11 GSH C . -17.53 4.68 -13.19
O12 GSH C . -17.17 2.68 -12.37
CB1 GSH C . -20.03 2.25 -12.02
CG1 GSH C . -19.44 1.02 -12.66
CD1 GSH C . -20.46 -0.03 -13.10
OE1 GSH C . -21.83 0.27 -13.17
N2 GSH C . -19.96 -1.21 -13.45
CA2 GSH C . -20.79 -2.37 -13.82
C2 GSH C . -21.02 -3.26 -12.62
O2 GSH C . -19.97 -3.40 -11.72
CB2 GSH C . -20.10 -3.19 -14.90
SG2 GSH C . -19.62 -2.20 -16.35
N3 GSH C . -22.17 -3.90 -12.45
CA3 GSH C . -22.36 -4.97 -11.46
C3 GSH C . -21.39 -6.15 -11.49
O31 GSH C . -20.28 -6.09 -12.07
O32 GSH C . -21.69 -7.23 -10.89
N1 GSH D . 8.14 6.85 -2.37
CA1 GSH D . 7.11 6.02 -1.74
C1 GSH D . 7.78 5.05 -0.80
O11 GSH D . 8.61 4.32 -1.36
O12 GSH D . 7.52 4.89 0.44
CB1 GSH D . 5.93 6.82 -1.18
CG1 GSH D . 5.02 5.97 -0.29
CD1 GSH D . 3.56 6.17 -0.64
OE1 GSH D . 3.18 6.87 -1.79
N2 GSH D . 2.68 5.63 0.20
CA2 GSH D . 1.28 5.91 0.08
C2 GSH D . 0.87 7.05 0.94
O2 GSH D . 1.30 7.11 2.26
CB2 GSH D . 0.45 4.72 0.53
SG2 GSH D . 0.90 3.27 -0.43
N3 GSH D . 0.07 7.94 0.36
CA3 GSH D . -0.58 8.98 1.12
C3 GSH D . 0.04 10.30 0.74
O31 GSH D . 1.09 10.35 0.07
O32 GSH D . -0.49 11.38 1.06
#